data_6Y40
#
_entry.id   6Y40
#
_cell.length_a   82.300
_cell.length_b   112.390
_cell.length_c   62.569
_cell.angle_alpha   90.000
_cell.angle_beta   90.000
_cell.angle_gamma   90.000
#
_symmetry.space_group_name_H-M   'C 2 2 21'
#
loop_
_entity.id
_entity.type
_entity.pdbx_description
1 polymer 'PLN peptide'
2 polymer '14-3-3 protein sigma'
3 non-polymer 'MAGNESIUM ION'
4 non-polymer 'CHLORIDE ION'
5 water water
#
loop_
_entity_poly.entity_id
_entity_poly.type
_entity_poly.pdbx_seq_one_letter_code
_entity_poly.pdbx_strand_id
1 'polypeptide(L)' YLTRSAIRRA(SEP)TIEMP P
2 'polypeptide(L)'
;GAMGSMERASLIQKAKLAEQAERYEDMAAFMKGAVEKGEELS(CSO)EERNLLSVAYKNVVGGQRAAWRVLSSIEQKSNE
EGSEEKGPEVREYREKVETELQGVCDTVLGLLDSHLIKEAGDAESRVFYLKMKGDYYRYLAEVATGDDKKRIIDSARSAY
QEAMDISKKEMPPTNPIRLGLALNFSVFHYEIANSPEEAISLAKTTFDEAMADLHTLSEDSYKDSTLIMQLLRDNLTLWT
ADNAGEEGGEAPQEPQS
;
A
#
loop_
_chem_comp.id
_chem_comp.type
_chem_comp.name
_chem_comp.formula
CL non-polymer 'CHLORIDE ION' 'Cl -1'
MG non-polymer 'MAGNESIUM ION' 'Mg 2'
#
# COMPACT_ATOMS: atom_id res chain seq x y z
C ILE A 7 -1.56 -12.41 -12.72
N ARG A 8 -0.68 -11.60 -12.16
CA ARG A 8 -0.70 -11.32 -10.73
C ARG A 8 -1.83 -10.32 -10.41
N ARG A 9 -2.60 -10.61 -9.36
CA ARG A 9 -3.69 -9.75 -8.94
C ARG A 9 -3.20 -8.32 -8.73
N ALA A 10 -4.11 -7.37 -8.91
CA ALA A 10 -3.73 -5.97 -8.85
C ALA A 10 -3.89 -5.39 -7.44
N SEP A 11 -2.92 -4.59 -7.01
CA SEP A 11 -3.12 -3.69 -5.90
CB SEP A 11 -2.30 -4.09 -4.66
OG SEP A 11 -0.96 -4.28 -5.02
C SEP A 11 -2.71 -2.33 -6.47
O SEP A 11 -2.18 -2.27 -7.57
P SEP A 11 0.08 -4.50 -3.80
O1P SEP A 11 1.55 -4.37 -4.44
O2P SEP A 11 -0.09 -5.96 -3.17
O3P SEP A 11 -0.16 -3.41 -2.66
N THR A 12 -2.96 -1.27 -5.74
CA THR A 12 -2.68 0.07 -6.26
C THR A 12 -1.18 0.31 -6.43
N GLY B 1 18.65 12.53 11.70
CA GLY B 1 18.60 11.89 10.39
C GLY B 1 19.49 12.61 9.39
N ALA B 2 19.95 11.86 8.37
CA ALA B 2 20.93 12.40 7.42
C ALA B 2 20.35 13.53 6.58
N MET B 3 19.03 13.69 6.54
CA MET B 3 18.39 14.76 5.78
C MET B 3 18.04 15.96 6.64
N GLY B 4 18.44 15.95 7.92
CA GLY B 4 18.06 17.00 8.83
C GLY B 4 18.55 18.38 8.43
N SER B 5 19.65 18.45 7.69
CA SER B 5 20.20 19.74 7.31
CA SER B 5 20.20 19.74 7.31
C SER B 5 19.68 20.25 5.96
N MET B 6 18.86 19.48 5.25
CA MET B 6 18.37 19.93 3.95
C MET B 6 16.98 20.57 4.08
N GLU B 7 16.77 21.65 3.32
CA GLU B 7 15.47 22.34 3.29
C GLU B 7 14.36 21.40 2.87
N ARG B 8 13.19 21.58 3.50
CA ARG B 8 12.02 20.78 3.12
C ARG B 8 11.75 20.87 1.62
N ALA B 9 11.79 22.09 1.06
CA ALA B 9 11.48 22.23 -0.35
C ALA B 9 12.53 21.55 -1.23
N SER B 10 13.81 21.62 -0.83
CA SER B 10 14.86 20.92 -1.57
C SER B 10 14.68 19.42 -1.52
N LEU B 11 14.26 18.88 -0.38
CA LEU B 11 13.98 17.45 -0.29
C LEU B 11 12.87 17.04 -1.25
N ILE B 12 11.81 17.85 -1.33
CA ILE B 12 10.72 17.54 -2.25
CA ILE B 12 10.73 17.52 -2.24
C ILE B 12 11.19 17.65 -3.69
N GLN B 13 11.96 18.70 -4.00
CA GLN B 13 12.51 18.84 -5.34
C GLN B 13 13.37 17.64 -5.73
N LYS B 14 14.23 17.19 -4.81
CA LYS B 14 15.10 16.05 -5.12
C LYS B 14 14.33 14.73 -5.17
N ALA B 15 13.25 14.59 -4.38
CA ALA B 15 12.41 13.41 -4.52
C ALA B 15 11.85 13.30 -5.94
N LYS B 16 11.45 14.42 -6.52
CA LYS B 16 10.90 14.41 -7.88
C LYS B 16 11.99 14.09 -8.90
N LEU B 17 13.20 14.62 -8.70
CA LEU B 17 14.33 14.26 -9.55
C LEU B 17 14.65 12.77 -9.43
N ALA B 18 14.65 12.25 -8.21
CA ALA B 18 14.92 10.82 -8.01
C ALA B 18 13.90 9.96 -8.71
N GLU B 19 12.62 10.36 -8.67
CA GLU B 19 11.61 9.61 -9.41
C GLU B 19 11.92 9.59 -10.90
N GLN B 20 12.31 10.73 -11.46
CA GLN B 20 12.64 10.79 -12.88
C GLN B 20 13.82 9.90 -13.22
N ALA B 21 14.76 9.77 -12.29
CA ALA B 21 15.94 8.94 -12.46
C ALA B 21 15.70 7.49 -12.08
N GLU B 22 14.47 7.16 -11.66
CA GLU B 22 14.13 5.83 -11.16
CA GLU B 22 14.11 5.83 -11.15
C GLU B 22 15.02 5.40 -10.01
N ARG B 23 15.37 6.36 -9.16
CA ARG B 23 16.22 6.10 -7.99
C ARG B 23 15.31 6.12 -6.76
N TYR B 24 14.58 5.02 -6.57
CA TYR B 24 13.49 5.03 -5.60
C TYR B 24 13.98 4.96 -4.16
N GLU B 25 15.13 4.33 -3.90
CA GLU B 25 15.70 4.37 -2.56
CA GLU B 25 15.70 4.38 -2.55
C GLU B 25 16.06 5.81 -2.17
N ASP B 26 16.68 6.57 -3.08
CA ASP B 26 16.93 7.98 -2.82
C ASP B 26 15.61 8.73 -2.63
N MET B 27 14.64 8.46 -3.50
CA MET B 27 13.34 9.13 -3.40
C MET B 27 12.72 8.92 -2.02
N ALA B 28 12.79 7.68 -1.50
CA ALA B 28 12.20 7.38 -0.19
C ALA B 28 12.95 8.09 0.92
N ALA B 29 14.29 8.09 0.86
CA ALA B 29 15.06 8.81 1.86
C ALA B 29 14.74 10.30 1.86
N PHE B 30 14.57 10.89 0.68
CA PHE B 30 14.23 12.31 0.59
C PHE B 30 12.85 12.57 1.21
N MET B 31 11.85 11.74 0.87
CA MET B 31 10.52 11.95 1.43
C MET B 31 10.45 11.66 2.91
N LYS B 32 11.22 10.68 3.40
CA LYS B 32 11.35 10.49 4.83
C LYS B 32 11.86 11.76 5.49
N GLY B 33 12.90 12.36 4.90
CA GLY B 33 13.42 13.62 5.42
C GLY B 33 12.38 14.73 5.44
N ALA B 34 11.57 14.81 4.38
CA ALA B 34 10.52 15.82 4.32
C ALA B 34 9.46 15.59 5.38
N VAL B 35 9.02 14.34 5.57
CA VAL B 35 8.05 14.04 6.62
C VAL B 35 8.58 14.46 7.99
N GLU B 36 9.86 14.14 8.26
CA GLU B 36 10.47 14.43 9.55
C GLU B 36 10.64 15.94 9.80
N LYS B 37 10.41 16.80 8.81
CA LYS B 37 10.34 18.24 9.11
C LYS B 37 9.15 18.58 10.00
N GLY B 38 8.15 17.69 10.08
CA GLY B 38 7.06 17.85 11.03
C GLY B 38 5.82 18.55 10.50
N GLU B 39 5.86 19.12 9.30
CA GLU B 39 4.68 19.73 8.72
C GLU B 39 3.85 18.68 7.99
N GLU B 40 2.56 18.94 7.89
CA GLU B 40 1.68 18.05 7.14
C GLU B 40 2.10 18.03 5.67
N LEU B 41 1.71 16.97 4.97
CA LEU B 41 2.00 16.81 3.55
CA LEU B 41 2.01 16.80 3.55
C LEU B 41 0.81 17.20 2.70
N SER B 42 1.08 17.86 1.59
CA SER B 42 0.07 18.17 0.58
C SER B 42 -0.31 16.91 -0.19
N CSO B 43 -1.36 17.00 -1.01
CA CSO B 43 -1.79 15.90 -1.86
CB CSO B 43 -2.94 16.36 -2.76
SG CSO B 43 -3.41 15.04 -3.89
C CSO B 43 -0.63 15.34 -2.70
O CSO B 43 -0.35 14.14 -2.72
OD CSO B 43 -2.63 15.21 -5.46
N GLU B 44 0.08 16.24 -3.40
CA GLU B 44 1.20 15.84 -4.24
C GLU B 44 2.32 15.19 -3.43
N GLU B 45 2.59 15.74 -2.25
CA GLU B 45 3.66 15.21 -1.42
C GLU B 45 3.29 13.83 -0.87
N ARG B 46 2.02 13.62 -0.53
CA ARG B 46 1.60 12.30 -0.08
C ARG B 46 1.81 11.28 -1.20
N ASN B 47 1.50 11.67 -2.43
CA ASN B 47 1.71 10.77 -3.57
C ASN B 47 3.18 10.42 -3.72
N LEU B 48 4.08 11.42 -3.54
CA LEU B 48 5.50 11.14 -3.68
C LEU B 48 5.98 10.13 -2.64
N LEU B 49 5.52 10.31 -1.40
CA LEU B 49 5.84 9.37 -0.33
C LEU B 49 5.39 7.96 -0.70
N SER B 50 4.16 7.83 -1.16
CA SER B 50 3.58 6.54 -1.51
C SER B 50 4.35 5.90 -2.67
N VAL B 51 4.61 6.66 -3.72
CA VAL B 51 5.34 6.13 -4.89
C VAL B 51 6.72 5.63 -4.47
N ALA B 52 7.44 6.43 -3.66
CA ALA B 52 8.80 6.07 -3.29
C ALA B 52 8.84 4.74 -2.54
N TYR B 53 8.06 4.63 -1.47
CA TYR B 53 8.14 3.41 -0.67
C TYR B 53 7.48 2.23 -1.37
N LYS B 54 6.45 2.45 -2.19
CA LYS B 54 5.86 1.32 -2.91
C LYS B 54 6.89 0.66 -3.83
N ASN B 55 7.70 1.47 -4.50
CA ASN B 55 8.71 0.93 -5.40
C ASN B 55 9.83 0.25 -4.63
N VAL B 56 10.25 0.83 -3.50
CA VAL B 56 11.31 0.21 -2.70
C VAL B 56 10.83 -1.14 -2.17
N VAL B 57 9.69 -1.15 -1.49
CA VAL B 57 9.22 -2.41 -0.92
C VAL B 57 8.78 -3.37 -2.01
N GLY B 58 8.42 -2.88 -3.20
CA GLY B 58 8.04 -3.77 -4.27
C GLY B 58 9.20 -4.59 -4.79
N GLY B 59 10.37 -3.96 -4.91
CA GLY B 59 11.57 -4.72 -5.25
C GLY B 59 11.91 -5.77 -4.21
N GLN B 60 11.74 -5.44 -2.93
CA GLN B 60 12.06 -6.38 -1.86
CA GLN B 60 12.08 -6.39 -1.88
C GLN B 60 11.09 -7.55 -1.84
N ARG B 61 9.79 -7.27 -2.03
CA ARG B 61 8.80 -8.34 -2.03
C ARG B 61 9.01 -9.28 -3.20
N ALA B 62 9.28 -8.74 -4.39
CA ALA B 62 9.55 -9.58 -5.55
C ALA B 62 10.76 -10.46 -5.31
N ALA B 63 11.82 -9.91 -4.73
CA ALA B 63 13.00 -10.71 -4.41
C ALA B 63 12.69 -11.77 -3.35
N TRP B 64 11.95 -11.39 -2.30
CA TRP B 64 11.56 -12.34 -1.28
C TRP B 64 10.78 -13.51 -1.86
N ARG B 65 9.88 -13.24 -2.80
CA ARG B 65 9.09 -14.33 -3.38
C ARG B 65 9.96 -15.28 -4.20
N VAL B 66 10.92 -14.73 -4.95
CA VAL B 66 11.86 -15.59 -5.69
C VAL B 66 12.61 -16.49 -4.72
N LEU B 67 13.16 -15.91 -3.66
CA LEU B 67 13.97 -16.68 -2.73
C LEU B 67 13.12 -17.67 -1.94
N SER B 68 11.91 -17.26 -1.54
CA SER B 68 11.02 -18.18 -0.82
CA SER B 68 11.03 -18.18 -0.82
C SER B 68 10.68 -19.40 -1.67
N SER B 69 10.45 -19.19 -2.97
CA SER B 69 10.16 -20.32 -3.85
C SER B 69 11.35 -21.26 -3.94
N ILE B 70 12.56 -20.70 -4.07
CA ILE B 70 13.75 -21.54 -4.11
C ILE B 70 13.89 -22.32 -2.82
N GLU B 71 13.65 -21.66 -1.69
CA GLU B 71 13.75 -22.32 -0.39
C GLU B 71 12.73 -23.45 -0.27
N GLN B 72 11.50 -23.20 -0.73
CA GLN B 72 10.47 -24.23 -0.63
C GLN B 72 10.83 -25.45 -1.48
N LYS B 73 11.33 -25.21 -2.70
CA LYS B 73 11.79 -26.32 -3.54
C LYS B 73 12.91 -27.08 -2.86
N SER B 74 13.82 -26.38 -2.19
CA SER B 74 14.94 -27.01 -1.49
C SER B 74 14.45 -27.98 -0.41
N ASN B 75 13.25 -27.76 0.11
CA ASN B 75 12.68 -28.60 1.16
C ASN B 75 11.65 -29.58 0.62
N GLU B 76 11.75 -29.95 -0.67
CA GLU B 76 10.80 -30.89 -1.26
C GLU B 76 11.45 -32.25 -1.46
N SER B 79 15.24 -33.48 -2.78
CA SER B 79 16.08 -32.32 -3.08
C SER B 79 17.40 -32.42 -2.31
N GLU B 80 18.49 -31.99 -2.95
CA GLU B 80 19.80 -32.03 -2.31
C GLU B 80 19.90 -30.97 -1.23
N GLU B 81 20.59 -31.32 -0.14
CA GLU B 81 20.90 -30.33 0.88
C GLU B 81 21.95 -29.37 0.34
N LYS B 82 21.61 -28.08 0.30
CA LYS B 82 22.56 -27.07 -0.17
C LYS B 82 23.15 -26.26 0.97
N GLY B 83 22.82 -26.59 2.22
CA GLY B 83 23.28 -25.86 3.36
C GLY B 83 22.34 -24.72 3.73
N PRO B 84 22.80 -23.82 4.60
CA PRO B 84 21.92 -22.78 5.15
C PRO B 84 21.77 -21.55 4.27
N GLU B 85 22.44 -21.50 3.13
CA GLU B 85 22.61 -20.23 2.42
C GLU B 85 21.28 -19.69 1.88
N VAL B 86 20.41 -20.55 1.36
CA VAL B 86 19.15 -20.06 0.81
C VAL B 86 18.30 -19.45 1.90
N ARG B 87 18.15 -20.15 3.02
CA ARG B 87 17.40 -19.60 4.16
C ARG B 87 18.05 -18.32 4.67
N GLU B 88 19.38 -18.31 4.82
CA GLU B 88 20.07 -17.11 5.30
C GLU B 88 19.76 -15.91 4.40
N TYR B 89 19.87 -16.11 3.08
CA TYR B 89 19.72 -14.98 2.19
C TYR B 89 18.25 -14.54 2.10
N ARG B 90 17.31 -15.49 2.11
CA ARG B 90 15.90 -15.12 2.24
C ARG B 90 15.66 -14.33 3.53
N GLU B 91 16.30 -14.74 4.63
CA GLU B 91 16.13 -14.02 5.90
C GLU B 91 16.71 -12.62 5.80
N LYS B 92 17.84 -12.46 5.11
CA LYS B 92 18.43 -11.13 4.96
C LYS B 92 17.48 -10.21 4.21
N VAL B 93 16.93 -10.67 3.08
CA VAL B 93 16.00 -9.86 2.32
C VAL B 93 14.74 -9.58 3.13
N GLU B 94 14.24 -10.60 3.83
CA GLU B 94 13.06 -10.44 4.68
C GLU B 94 13.28 -9.40 5.77
N THR B 95 14.44 -9.42 6.42
CA THR B 95 14.72 -8.45 7.47
CA THR B 95 14.72 -8.44 7.47
C THR B 95 14.78 -7.03 6.91
N GLU B 96 15.37 -6.87 5.73
CA GLU B 96 15.45 -5.55 5.12
C GLU B 96 14.07 -5.05 4.76
N LEU B 97 13.23 -5.94 4.22
CA LEU B 97 11.84 -5.62 3.91
CA LEU B 97 11.84 -5.62 3.91
C LEU B 97 11.07 -5.20 5.16
N GLN B 98 11.18 -5.99 6.23
CA GLN B 98 10.51 -5.61 7.47
C GLN B 98 11.01 -4.27 7.97
N GLY B 99 12.29 -3.99 7.78
CA GLY B 99 12.81 -2.70 8.18
C GLY B 99 12.16 -1.53 7.45
N VAL B 100 11.95 -1.67 6.15
CA VAL B 100 11.28 -0.63 5.37
C VAL B 100 9.83 -0.47 5.83
N CYS B 101 9.11 -1.59 6.02
CA CYS B 101 7.74 -1.47 6.53
C CYS B 101 7.70 -0.79 7.89
N ASP B 102 8.63 -1.15 8.79
CA ASP B 102 8.65 -0.50 10.10
C ASP B 102 8.92 0.98 9.98
N THR B 103 9.77 1.36 9.02
CA THR B 103 10.06 2.77 8.81
C THR B 103 8.83 3.53 8.37
N VAL B 104 8.10 2.99 7.40
CA VAL B 104 6.87 3.64 6.93
C VAL B 104 5.84 3.72 8.05
N LEU B 105 5.63 2.60 8.75
CA LEU B 105 4.67 2.60 9.85
C LEU B 105 5.08 3.58 10.93
N GLY B 106 6.38 3.76 11.12
CA GLY B 106 6.85 4.73 12.09
C GLY B 106 6.54 6.16 11.69
N LEU B 107 6.65 6.46 10.40
CA LEU B 107 6.32 7.81 9.94
C LEU B 107 4.84 8.07 10.08
N LEU B 108 4.01 7.06 9.79
CA LEU B 108 2.58 7.22 9.94
C LEU B 108 2.19 7.42 11.41
N ASP B 109 2.85 6.72 12.32
CA ASP B 109 2.55 6.85 13.73
C ASP B 109 3.18 8.07 14.38
N SER B 110 4.24 8.64 13.77
CA SER B 110 4.96 9.76 14.37
C SER B 110 5.32 10.75 13.25
N HIS B 111 4.37 11.60 12.84
CA HIS B 111 3.05 11.78 13.45
C HIS B 111 2.00 12.08 12.39
N LEU B 112 2.10 11.41 11.24
CA LEU B 112 1.26 11.76 10.09
C LEU B 112 -0.21 11.53 10.36
N ILE B 113 -0.57 10.35 10.89
CA ILE B 113 -2.00 10.04 11.03
C ILE B 113 -2.66 10.97 12.05
N LYS B 114 -2.00 11.21 13.18
CA LYS B 114 -2.69 11.96 14.23
C LYS B 114 -2.95 13.40 13.82
N GLU B 115 -2.17 13.95 12.88
CA GLU B 115 -2.46 15.31 12.43
CA GLU B 115 -2.40 15.30 12.39
C GLU B 115 -3.34 15.35 11.20
N ALA B 116 -3.73 14.22 10.63
CA ALA B 116 -4.50 14.21 9.37
C ALA B 116 -5.99 14.25 9.68
N GLY B 117 -6.63 15.38 9.37
CA GLY B 117 -8.04 15.59 9.68
C GLY B 117 -8.99 15.54 8.49
N ASP B 118 -8.49 15.93 7.31
CA ASP B 118 -9.33 15.84 6.12
C ASP B 118 -9.44 14.40 5.65
N ALA B 119 -10.59 14.07 5.05
CA ALA B 119 -10.83 12.70 4.61
C ALA B 119 -9.75 12.21 3.66
N GLU B 120 -9.33 13.05 2.71
CA GLU B 120 -8.37 12.60 1.70
C GLU B 120 -7.02 12.26 2.31
N SER B 121 -6.59 13.02 3.32
CA SER B 121 -5.31 12.70 3.95
C SER B 121 -5.45 11.53 4.92
N ARG B 122 -6.49 11.54 5.75
CA ARG B 122 -6.64 10.50 6.76
C ARG B 122 -6.85 9.13 6.13
N VAL B 123 -7.71 9.05 5.12
CA VAL B 123 -7.96 7.76 4.47
C VAL B 123 -6.70 7.28 3.75
N PHE B 124 -5.97 8.21 3.11
CA PHE B 124 -4.72 7.85 2.45
CA PHE B 124 -4.72 7.84 2.46
C PHE B 124 -3.73 7.24 3.44
N TYR B 125 -3.54 7.88 4.60
CA TYR B 125 -2.56 7.39 5.55
C TYR B 125 -3.00 6.08 6.17
N LEU B 126 -4.30 5.93 6.43
CA LEU B 126 -4.78 4.69 7.03
C LEU B 126 -4.69 3.53 6.04
N LYS B 127 -4.98 3.80 4.76
CA LYS B 127 -4.75 2.79 3.74
C LYS B 127 -3.29 2.37 3.70
N MET B 128 -2.37 3.36 3.76
CA MET B 128 -0.96 3.03 3.76
C MET B 128 -0.59 2.17 4.97
N LYS B 129 -1.14 2.50 6.15
CA LYS B 129 -0.90 1.68 7.32
C LYS B 129 -1.37 0.24 7.10
N GLY B 130 -2.56 0.08 6.52
CA GLY B 130 -3.01 -1.26 6.19
C GLY B 130 -2.09 -1.96 5.19
N ASP B 131 -1.64 -1.22 4.18
CA ASP B 131 -0.76 -1.80 3.16
C ASP B 131 0.54 -2.32 3.78
N TYR B 132 1.16 -1.53 4.66
CA TYR B 132 2.48 -1.97 5.13
C TYR B 132 2.38 -3.03 6.22
N TYR B 133 1.28 -3.06 6.98
CA TYR B 133 1.05 -4.23 7.82
C TYR B 133 0.76 -5.46 6.96
N ARG B 134 0.08 -5.27 5.83
CA ARG B 134 -0.16 -6.38 4.92
C ARG B 134 1.16 -6.94 4.38
N TYR B 135 2.11 -6.07 4.01
CA TYR B 135 3.39 -6.58 3.54
C TYR B 135 4.13 -7.31 4.66
N LEU B 136 4.03 -6.81 5.89
CA LEU B 136 4.55 -7.58 7.02
C LEU B 136 3.85 -8.93 7.13
N ALA B 137 2.52 -8.95 6.95
CA ALA B 137 1.79 -10.22 7.06
C ALA B 137 2.21 -11.23 6.00
N GLU B 138 2.64 -10.77 4.82
CA GLU B 138 3.02 -11.66 3.73
C GLU B 138 4.20 -12.55 4.10
N VAL B 139 5.10 -12.06 4.96
CA VAL B 139 6.29 -12.80 5.35
C VAL B 139 6.20 -13.32 6.78
N ALA B 140 5.12 -13.04 7.50
CA ALA B 140 5.01 -13.42 8.90
C ALA B 140 4.72 -14.91 9.03
N THR B 141 5.43 -15.58 9.95
CA THR B 141 5.20 -17.00 10.22
C THR B 141 5.08 -17.34 11.71
N GLY B 142 5.34 -16.40 12.61
CA GLY B 142 5.25 -16.67 14.04
C GLY B 142 3.92 -16.28 14.65
N ASP B 144 3.24 -13.75 16.29
CA ASP B 144 2.42 -12.54 16.26
C ASP B 144 1.83 -12.29 14.88
N LYS B 145 1.81 -13.34 14.04
CA LYS B 145 1.21 -13.21 12.73
C LYS B 145 -0.25 -12.76 12.80
N LYS B 146 -1.01 -13.32 13.75
CA LYS B 146 -2.41 -12.94 13.84
CA LYS B 146 -2.42 -12.94 13.87
C LYS B 146 -2.56 -11.47 14.23
N ARG B 147 -1.68 -10.97 15.11
CA ARG B 147 -1.77 -9.58 15.50
C ARG B 147 -1.38 -8.65 14.35
N ILE B 148 -0.40 -9.07 13.53
CA ILE B 148 -0.03 -8.30 12.35
C ILE B 148 -1.20 -8.22 11.37
N ILE B 149 -1.84 -9.37 11.13
CA ILE B 149 -3.01 -9.41 10.25
C ILE B 149 -4.12 -8.51 10.79
N ASP B 150 -4.37 -8.56 12.09
CA ASP B 150 -5.44 -7.74 12.64
CA ASP B 150 -5.42 -7.73 12.70
C ASP B 150 -5.09 -6.26 12.60
N SER B 151 -3.80 -5.91 12.71
CA SER B 151 -3.40 -4.52 12.57
C SER B 151 -3.70 -4.00 11.18
N ALA B 152 -3.39 -4.80 10.16
CA ALA B 152 -3.77 -4.44 8.79
C ALA B 152 -5.27 -4.27 8.67
N ARG B 153 -6.04 -5.27 9.12
CA ARG B 153 -7.50 -5.20 9.02
CA ARG B 153 -7.50 -5.21 9.03
C ARG B 153 -8.04 -3.96 9.70
N SER B 154 -7.55 -3.64 10.90
CA SER B 154 -8.09 -2.51 11.65
CA SER B 154 -8.08 -2.51 11.65
C SER B 154 -7.81 -1.20 10.93
N ALA B 155 -6.60 -1.03 10.39
CA ALA B 155 -6.30 0.19 9.64
C ALA B 155 -7.18 0.32 8.41
N TYR B 156 -7.30 -0.78 7.64
CA TYR B 156 -8.17 -0.76 6.47
C TYR B 156 -9.62 -0.45 6.85
N GLN B 157 -10.10 -1.06 7.95
CA GLN B 157 -11.50 -0.86 8.34
C GLN B 157 -11.77 0.59 8.72
N GLU B 158 -10.85 1.21 9.50
CA GLU B 158 -11.05 2.63 9.81
CA GLU B 158 -11.02 2.63 9.82
C GLU B 158 -11.05 3.49 8.56
N ALA B 159 -10.16 3.20 7.62
CA ALA B 159 -10.14 3.94 6.36
C ALA B 159 -11.43 3.73 5.58
N MET B 160 -11.93 2.49 5.53
CA MET B 160 -13.18 2.22 4.83
C MET B 160 -14.32 3.03 5.43
N ASP B 161 -14.44 3.01 6.76
CA ASP B 161 -15.54 3.70 7.42
C ASP B 161 -15.53 5.19 7.10
N ILE B 162 -14.35 5.82 7.14
CA ILE B 162 -14.26 7.24 6.81
C ILE B 162 -14.58 7.47 5.33
N SER B 163 -14.03 6.63 4.45
CA SER B 163 -14.23 6.86 3.02
C SER B 163 -15.69 6.70 2.63
N LYS B 164 -16.41 5.77 3.26
CA LYS B 164 -17.82 5.60 2.94
C LYS B 164 -18.65 6.80 3.40
N LYS B 165 -18.26 7.43 4.50
CA LYS B 165 -19.01 8.57 5.02
CA LYS B 165 -19.01 8.57 5.02
C LYS B 165 -18.63 9.88 4.32
N GLU B 166 -17.36 10.05 3.95
CA GLU B 166 -16.87 11.36 3.52
C GLU B 166 -16.52 11.48 2.05
N MET B 167 -16.55 10.39 1.29
CA MET B 167 -16.08 10.44 -0.09
C MET B 167 -17.11 9.85 -1.04
N PRO B 168 -17.17 10.34 -2.27
CA PRO B 168 -18.06 9.72 -3.25
C PRO B 168 -17.52 8.36 -3.68
N PRO B 169 -18.40 7.48 -4.20
CA PRO B 169 -17.96 6.12 -4.55
C PRO B 169 -16.92 6.08 -5.65
N THR B 170 -16.77 7.15 -6.44
CA THR B 170 -15.78 7.17 -7.51
C THR B 170 -14.44 7.74 -7.07
N ASN B 171 -14.32 8.22 -5.83
CA ASN B 171 -13.08 8.83 -5.39
C ASN B 171 -11.91 7.85 -5.57
N PRO B 172 -10.84 8.24 -6.26
CA PRO B 172 -9.74 7.30 -6.51
C PRO B 172 -9.12 6.74 -5.24
N ILE B 173 -9.06 7.51 -4.16
CA ILE B 173 -8.51 6.97 -2.91
CA ILE B 173 -8.51 6.98 -2.91
C ILE B 173 -9.43 5.90 -2.34
N ARG B 174 -10.73 6.19 -2.31
CA ARG B 174 -11.71 5.19 -1.87
C ARG B 174 -11.63 3.92 -2.72
N LEU B 175 -11.52 4.09 -4.05
CA LEU B 175 -11.45 2.93 -4.94
C LEU B 175 -10.19 2.11 -4.68
N GLY B 176 -9.05 2.79 -4.55
CA GLY B 176 -7.80 2.08 -4.35
C GLY B 176 -7.72 1.41 -2.98
N LEU B 177 -8.30 2.06 -1.97
CA LEU B 177 -8.43 1.42 -0.66
C LEU B 177 -9.25 0.15 -0.77
N ALA B 178 -10.39 0.19 -1.46
CA ALA B 178 -11.22 -1.00 -1.59
C ALA B 178 -10.50 -2.10 -2.36
N LEU B 179 -9.80 -1.74 -3.44
CA LEU B 179 -9.02 -2.71 -4.17
C LEU B 179 -8.05 -3.45 -3.25
N ASN B 180 -7.31 -2.69 -2.43
CA ASN B 180 -6.26 -3.29 -1.61
C ASN B 180 -6.84 -4.07 -0.43
N PHE B 181 -7.92 -3.56 0.17
CA PHE B 181 -8.57 -4.32 1.25
C PHE B 181 -9.15 -5.61 0.71
N SER B 182 -9.66 -5.59 -0.53
CA SER B 182 -10.12 -6.81 -1.18
C SER B 182 -8.97 -7.80 -1.34
N VAL B 183 -7.80 -7.34 -1.79
CA VAL B 183 -6.64 -8.23 -1.87
C VAL B 183 -6.27 -8.76 -0.49
N PHE B 184 -6.34 -7.90 0.53
CA PHE B 184 -6.11 -8.36 1.90
C PHE B 184 -7.03 -9.53 2.24
N HIS B 185 -8.33 -9.38 1.96
CA HIS B 185 -9.27 -10.46 2.25
C HIS B 185 -8.90 -11.72 1.51
N TYR B 186 -8.52 -11.57 0.22
CA TYR B 186 -8.29 -12.73 -0.62
C TYR B 186 -7.02 -13.48 -0.22
N GLU B 187 -5.93 -12.73 -0.03
CA GLU B 187 -4.57 -13.27 0.10
C GLU B 187 -4.14 -13.50 1.54
N ILE B 188 -4.59 -12.66 2.45
CA ILE B 188 -4.07 -12.63 3.81
C ILE B 188 -5.05 -13.23 4.80
N ALA B 189 -6.32 -12.86 4.69
CA ALA B 189 -7.33 -13.25 5.65
C ALA B 189 -8.06 -14.53 5.30
N ASN B 190 -7.73 -15.16 4.17
CA ASN B 190 -8.39 -16.42 3.77
C ASN B 190 -9.90 -16.22 3.63
N SER B 191 -10.30 -15.07 3.09
CA SER B 191 -11.71 -14.71 2.93
CA SER B 191 -11.71 -14.71 2.93
C SER B 191 -11.96 -14.30 1.47
N PRO B 192 -11.83 -15.25 0.54
CA PRO B 192 -12.05 -14.90 -0.88
C PRO B 192 -13.46 -14.41 -1.15
N GLU B 193 -14.47 -14.92 -0.44
CA GLU B 193 -15.82 -14.43 -0.70
C GLU B 193 -15.97 -12.97 -0.29
N GLU B 194 -15.40 -12.57 0.84
CA GLU B 194 -15.39 -11.17 1.22
C GLU B 194 -14.63 -10.33 0.20
N ALA B 195 -13.50 -10.86 -0.30
CA ALA B 195 -12.73 -10.15 -1.31
C ALA B 195 -13.55 -9.88 -2.56
N ILE B 196 -14.29 -10.89 -3.02
CA ILE B 196 -15.07 -10.76 -4.24
C ILE B 196 -16.27 -9.84 -4.02
N SER B 197 -16.94 -9.98 -2.88
CA SER B 197 -18.08 -9.13 -2.58
CA SER B 197 -18.09 -9.12 -2.57
C SER B 197 -17.67 -7.65 -2.53
N LEU B 198 -16.55 -7.37 -1.85
CA LEU B 198 -16.08 -6.00 -1.74
C LEU B 198 -15.73 -5.42 -3.11
N ALA B 199 -15.00 -6.17 -3.94
CA ALA B 199 -14.62 -5.66 -5.25
C ALA B 199 -15.84 -5.40 -6.13
N LYS B 200 -16.82 -6.31 -6.09
CA LYS B 200 -18.03 -6.16 -6.90
CA LYS B 200 -18.01 -6.14 -6.92
C LYS B 200 -18.85 -4.95 -6.46
N THR B 201 -19.13 -4.84 -5.16
CA THR B 201 -19.94 -3.73 -4.67
CA THR B 201 -19.96 -3.73 -4.72
C THR B 201 -19.25 -2.39 -4.92
N THR B 202 -17.93 -2.36 -4.73
CA THR B 202 -17.17 -1.15 -5.01
C THR B 202 -17.28 -0.77 -6.47
N PHE B 203 -17.10 -1.74 -7.37
CA PHE B 203 -17.20 -1.47 -8.80
C PHE B 203 -18.61 -0.96 -9.16
N ASP B 204 -19.65 -1.63 -8.67
CA ASP B 204 -21.02 -1.30 -9.06
C ASP B 204 -21.42 0.08 -8.54
N GLU B 205 -21.03 0.41 -7.30
CA GLU B 205 -21.37 1.73 -6.77
C GLU B 205 -20.59 2.83 -7.48
N ALA B 206 -19.35 2.56 -7.90
CA ALA B 206 -18.63 3.57 -8.68
C ALA B 206 -19.28 3.74 -10.05
N MET B 207 -19.65 2.63 -10.70
CA MET B 207 -20.31 2.71 -12.01
CA MET B 207 -20.31 2.71 -12.01
CA MET B 207 -20.31 2.71 -12.01
C MET B 207 -21.47 3.68 -11.99
N ALA B 208 -22.31 3.60 -10.96
CA ALA B 208 -23.51 4.42 -10.86
C ALA B 208 -23.23 5.89 -10.58
N ASP B 209 -22.01 6.23 -10.17
CA ASP B 209 -21.61 7.60 -9.85
C ASP B 209 -20.80 8.27 -10.96
N LEU B 210 -20.42 7.53 -12.01
CA LEU B 210 -19.57 8.09 -13.05
C LEU B 210 -20.23 9.28 -13.75
N HIS B 211 -21.57 9.30 -13.81
CA HIS B 211 -22.27 10.33 -14.57
C HIS B 211 -22.06 11.74 -13.98
N THR B 212 -21.61 11.83 -12.73
CA THR B 212 -21.39 13.12 -12.07
C THR B 212 -20.04 13.74 -12.40
N LEU B 213 -19.17 13.01 -13.08
CA LEU B 213 -17.76 13.35 -13.20
C LEU B 213 -17.43 14.07 -14.49
N SER B 214 -16.39 14.90 -14.42
CA SER B 214 -15.76 15.43 -15.62
C SER B 214 -15.04 14.33 -16.39
N GLU B 215 -14.61 14.67 -17.61
CA GLU B 215 -13.86 13.72 -18.43
C GLU B 215 -12.58 13.28 -17.73
N ASP B 216 -11.87 14.20 -17.08
CA ASP B 216 -10.60 13.84 -16.44
C ASP B 216 -10.83 12.97 -15.20
N SER B 217 -11.84 13.31 -14.39
CA SER B 217 -12.15 12.47 -13.24
C SER B 217 -12.67 11.11 -13.67
N TYR B 218 -13.48 11.07 -14.73
CA TYR B 218 -13.94 9.79 -15.28
CA TYR B 218 -13.95 9.80 -15.27
C TYR B 218 -12.77 8.90 -15.62
N LYS B 219 -11.75 9.45 -16.28
CA LYS B 219 -10.56 8.66 -16.62
CA LYS B 219 -10.56 8.66 -16.62
C LYS B 219 -9.86 8.15 -15.37
N ASP B 220 -9.71 9.01 -14.36
CA ASP B 220 -9.05 8.61 -13.11
C ASP B 220 -9.79 7.45 -12.45
N SER B 221 -11.13 7.56 -12.36
CA SER B 221 -11.92 6.57 -11.66
C SER B 221 -12.02 5.26 -12.44
N THR B 222 -12.25 5.34 -13.75
CA THR B 222 -12.40 4.11 -14.53
C THR B 222 -11.10 3.31 -14.56
N LEU B 223 -9.95 3.99 -14.45
CA LEU B 223 -8.69 3.26 -14.44
C LEU B 223 -8.63 2.30 -13.25
N ILE B 224 -9.05 2.77 -12.07
CA ILE B 224 -9.01 1.90 -10.90
C ILE B 224 -10.14 0.89 -10.91
N MET B 225 -11.30 1.26 -11.45
CA MET B 225 -12.38 0.30 -11.62
C MET B 225 -11.93 -0.87 -12.47
N GLN B 226 -11.10 -0.61 -13.48
CA GLN B 226 -10.59 -1.69 -14.32
C GLN B 226 -9.74 -2.67 -13.53
N LEU B 227 -8.98 -2.18 -12.54
CA LEU B 227 -8.21 -3.07 -11.67
C LEU B 227 -9.12 -3.93 -10.82
N LEU B 228 -10.21 -3.37 -10.30
CA LEU B 228 -11.19 -4.19 -9.59
C LEU B 228 -11.74 -5.29 -10.50
N ARG B 229 -12.10 -4.92 -11.74
CA ARG B 229 -12.63 -5.92 -12.66
CA ARG B 229 -12.63 -5.92 -12.66
C ARG B 229 -11.58 -6.98 -13.00
N ASP B 230 -10.33 -6.58 -13.14
CA ASP B 230 -9.25 -7.53 -13.43
C ASP B 230 -9.18 -8.59 -12.33
N ASN B 231 -9.25 -8.13 -11.07
CA ASN B 231 -9.18 -9.08 -9.97
C ASN B 231 -10.41 -9.97 -9.94
N LEU B 232 -11.60 -9.40 -10.15
CA LEU B 232 -12.80 -10.23 -10.20
C LEU B 232 -12.69 -11.29 -11.28
N THR B 233 -12.15 -10.93 -12.45
CA THR B 233 -11.97 -11.90 -13.52
C THR B 233 -11.00 -13.00 -13.11
N LEU B 234 -9.93 -12.63 -12.41
CA LEU B 234 -8.95 -13.62 -11.97
CA LEU B 234 -8.95 -13.61 -11.98
C LEU B 234 -9.54 -14.57 -10.94
N TRP B 235 -10.42 -14.07 -10.08
CA TRP B 235 -10.91 -14.80 -8.92
C TRP B 235 -12.23 -15.53 -9.14
N THR B 236 -12.90 -15.34 -10.28
CA THR B 236 -14.21 -15.97 -10.48
C THR B 236 -14.28 -16.73 -11.81
MG MG C . -19.43 -18.74 -2.76
MG MG D . 12.60 -13.60 9.69
MG MG E . 13.50 25.65 6.31
CL CL F . 23.04 -13.63 3.61
#